data_5DGS
#
_entry.id   5DGS
#
_cell.length_a   110.962
_cell.length_b   110.962
_cell.length_c   74.772
_cell.angle_alpha   90.000
_cell.angle_beta   90.000
_cell.angle_gamma   90.000
#
_symmetry.space_group_name_H-M   'P 41 21 2'
#
loop_
_entity.id
_entity.type
_entity.pdbx_description
1 polymer 'Farnesyl pyrophosphate synthase'
2 non-polymer '{(E)-2-[6-(acetylamino)-8-(naphthalen-1-yl)quinolin-2-yl]ethenyl}phosphonic acid'
3 water water
#
_entity_poly.entity_id   1
_entity_poly.type   'polypeptide(L)'
_entity_poly.pdbx_seq_one_letter_code
;GPNSDVYAQEKQDFVQHFSQIVRVLTEDEMGHPEIGDAIARLKEVLEYNAIGGKYNRGLTVVVAFRELVEPRKQDADSLQ
RAWTVGWCVELLQAFFLVADDIMDSSLTRRGQICWYQKPGVGLDAINDANLLEACIYRLLKLYCREQPYYLNLIELFLQS
SYQTEIGQTLDLLTAPQGNVDLVRFTEKRYKSIVKYKTAFYSFYLPIAAAMYMAGIDGEKEHANAKKILLEMGEFFQIQD
DYLDLFGDPSVTGKIGTDIQDNKCSWLVVQCLQRATPEQYQILKENYGQKEAEKVARVKALYEELDLPAVFLQYEEDSYS
HIMALIEQYAAPLPPAVFLGLARKIYKRRK
;
_entity_poly.pdbx_strand_id   F
#
# COMPACT_ATOMS: atom_id res chain seq x y z
N ASP A 5 -12.95 -17.89 4.62
CA ASP A 5 -12.41 -16.53 4.62
C ASP A 5 -12.54 -15.92 3.23
N VAL A 6 -13.39 -14.88 3.13
CA VAL A 6 -13.75 -14.12 1.92
C VAL A 6 -12.57 -13.87 0.98
N TYR A 7 -11.40 -13.50 1.54
CA TYR A 7 -10.20 -13.23 0.76
C TYR A 7 -9.63 -14.49 0.10
N ALA A 8 -9.22 -15.47 0.93
CA ALA A 8 -8.61 -16.76 0.54
C ALA A 8 -9.35 -17.42 -0.62
N GLN A 9 -10.70 -17.40 -0.55
CA GLN A 9 -11.64 -17.91 -1.54
C GLN A 9 -11.36 -17.26 -2.88
N GLU A 10 -11.67 -15.94 -2.93
CA GLU A 10 -11.60 -15.01 -4.05
C GLU A 10 -10.27 -14.93 -4.81
N LYS A 11 -9.15 -15.21 -4.13
CA LYS A 11 -7.78 -15.17 -4.67
C LYS A 11 -7.58 -15.88 -6.01
N GLN A 12 -8.20 -17.04 -6.21
CA GLN A 12 -8.07 -17.86 -7.42
C GLN A 12 -8.59 -17.15 -8.68
N ASP A 13 -9.88 -16.75 -8.66
CA ASP A 13 -10.58 -16.06 -9.75
C ASP A 13 -9.98 -14.70 -10.02
N PHE A 14 -9.41 -14.09 -8.97
CA PHE A 14 -8.75 -12.81 -9.07
C PHE A 14 -7.43 -13.00 -9.83
N VAL A 15 -6.56 -13.94 -9.39
CA VAL A 15 -5.28 -14.21 -10.06
C VAL A 15 -5.43 -14.76 -11.50
N GLN A 16 -6.51 -15.52 -11.75
CA GLN A 16 -6.78 -16.05 -13.08
C GLN A 16 -7.25 -14.93 -14.02
N HIS A 17 -7.79 -13.83 -13.44
CA HIS A 17 -8.23 -12.69 -14.22
C HIS A 17 -7.04 -11.86 -14.76
N PHE A 18 -5.81 -12.05 -14.19
CA PHE A 18 -4.60 -11.35 -14.66
C PHE A 18 -4.26 -11.71 -16.13
N SER A 19 -4.50 -12.97 -16.52
CA SER A 19 -4.29 -13.50 -17.86
C SER A 19 -5.08 -12.65 -18.87
N GLN A 20 -6.35 -12.32 -18.53
CA GLN A 20 -7.27 -11.49 -19.32
C GLN A 20 -6.74 -10.03 -19.46
N ILE A 21 -6.40 -9.41 -18.30
CA ILE A 21 -5.85 -8.08 -18.16
C ILE A 21 -4.66 -7.93 -19.11
N VAL A 22 -3.71 -8.87 -19.09
CA VAL A 22 -2.54 -8.82 -19.98
C VAL A 22 -2.92 -9.00 -21.45
N ARG A 23 -3.83 -9.93 -21.75
CA ARG A 23 -4.29 -10.20 -23.12
C ARG A 23 -4.81 -8.86 -23.72
N VAL A 24 -5.74 -8.22 -22.97
CA VAL A 24 -6.44 -6.95 -23.27
C VAL A 24 -5.47 -5.78 -23.41
N LEU A 25 -4.43 -5.72 -22.56
CA LEU A 25 -3.43 -4.66 -22.58
C LEU A 25 -2.39 -4.81 -23.69
N THR A 26 -2.36 -5.98 -24.37
CA THR A 26 -1.45 -6.27 -25.48
C THR A 26 -2.22 -6.40 -26.82
N GLU A 27 -3.52 -6.00 -26.82
CA GLU A 27 -4.44 -6.06 -27.94
C GLU A 27 -4.29 -4.94 -28.98
N ASP A 28 -3.75 -3.74 -28.58
CA ASP A 28 -3.55 -2.60 -29.50
C ASP A 28 -2.40 -2.87 -30.49
N GLU A 29 -1.50 -3.80 -30.13
CA GLU A 29 -0.35 -4.31 -30.89
C GLU A 29 -0.82 -5.04 -32.16
N MET A 30 -2.02 -5.66 -32.11
CA MET A 30 -2.61 -6.40 -33.23
C MET A 30 -2.95 -5.46 -34.40
N GLY A 31 -3.52 -4.29 -34.09
CA GLY A 31 -3.89 -3.26 -35.06
C GLY A 31 -2.79 -2.28 -35.41
N HIS A 32 -1.69 -2.31 -34.60
CA HIS A 32 -0.49 -1.47 -34.73
C HIS A 32 0.77 -2.34 -34.48
N PRO A 33 1.21 -3.20 -35.45
CA PRO A 33 2.40 -4.06 -35.21
C PRO A 33 3.71 -3.30 -35.00
N GLU A 34 3.73 -2.02 -35.41
CA GLU A 34 4.80 -1.06 -35.27
C GLU A 34 5.34 -1.03 -33.80
N ILE A 35 4.41 -0.92 -32.81
CA ILE A 35 4.68 -0.86 -31.37
C ILE A 35 4.74 -2.19 -30.68
N GLY A 36 4.54 -3.28 -31.43
CA GLY A 36 4.59 -4.65 -30.93
C GLY A 36 5.66 -4.92 -29.90
N ASP A 37 6.92 -4.50 -30.20
CA ASP A 37 8.09 -4.66 -29.32
C ASP A 37 7.90 -3.98 -27.97
N ALA A 38 7.44 -2.72 -27.96
CA ALA A 38 7.14 -1.94 -26.74
C ALA A 38 6.07 -2.65 -25.89
N ILE A 39 5.08 -3.26 -26.58
CA ILE A 39 3.98 -4.00 -25.96
C ILE A 39 4.54 -5.27 -25.36
N ALA A 40 5.45 -5.92 -26.09
CA ALA A 40 6.14 -7.12 -25.66
C ALA A 40 6.90 -6.76 -24.37
N ARG A 41 7.57 -5.58 -24.34
CA ARG A 41 8.24 -5.08 -23.15
C ARG A 41 7.20 -4.78 -22.08
N LEU A 42 6.06 -4.17 -22.46
CA LEU A 42 4.98 -3.91 -21.50
C LEU A 42 4.55 -5.20 -20.81
N LYS A 43 4.49 -6.33 -21.56
CA LYS A 43 4.09 -7.64 -21.02
C LYS A 43 5.09 -8.11 -19.94
N GLU A 44 6.41 -7.99 -20.20
CA GLU A 44 7.46 -8.35 -19.26
C GLU A 44 7.23 -7.60 -17.93
N VAL A 45 7.04 -6.27 -18.03
CA VAL A 45 6.85 -5.33 -16.94
C VAL A 45 5.70 -5.76 -16.00
N LEU A 46 4.50 -5.99 -16.57
CA LEU A 46 3.29 -6.42 -15.86
C LEU A 46 3.51 -7.76 -15.21
N GLU A 47 3.97 -8.74 -16.03
CA GLU A 47 4.23 -10.12 -15.64
C GLU A 47 5.21 -10.17 -14.45
N TYR A 48 6.25 -9.32 -14.45
CA TYR A 48 7.22 -9.26 -13.37
C TYR A 48 6.72 -8.50 -12.16
N ASN A 49 6.32 -7.27 -12.38
CA ASN A 49 5.89 -6.32 -11.35
C ASN A 49 4.52 -6.47 -10.70
N ALA A 50 3.47 -6.76 -11.48
CA ALA A 50 2.14 -6.88 -10.89
C ALA A 50 1.90 -8.25 -10.24
N ILE A 51 2.73 -9.25 -10.56
CA ILE A 51 2.55 -10.59 -10.00
C ILE A 51 3.55 -10.86 -8.95
N GLY A 52 3.14 -11.60 -7.93
CA GLY A 52 4.05 -12.07 -6.89
C GLY A 52 3.73 -11.74 -5.45
N GLY A 53 2.96 -10.67 -5.25
CA GLY A 53 2.56 -10.23 -3.92
C GLY A 53 1.35 -10.99 -3.42
N LYS A 54 0.77 -10.56 -2.30
CA LYS A 54 -0.42 -11.21 -1.71
C LYS A 54 -1.71 -10.74 -2.38
N TYR A 55 -1.68 -9.59 -3.12
CA TYR A 55 -2.82 -9.01 -3.85
C TYR A 55 -3.95 -8.47 -2.91
N ASN A 56 -3.59 -8.21 -1.65
CA ASN A 56 -4.50 -7.77 -0.58
C ASN A 56 -5.30 -6.53 -0.86
N ARG A 57 -4.66 -5.49 -1.45
CA ARG A 57 -5.39 -4.26 -1.84
C ARG A 57 -6.33 -4.52 -2.97
N GLY A 58 -5.85 -5.24 -4.00
CA GLY A 58 -6.67 -5.66 -5.13
C GLY A 58 -7.85 -6.50 -4.69
N LEU A 59 -7.63 -7.48 -3.77
CA LEU A 59 -8.71 -8.35 -3.27
C LEU A 59 -9.74 -7.60 -2.44
N THR A 60 -9.33 -6.47 -1.78
CA THR A 60 -10.27 -5.65 -0.98
C THR A 60 -11.32 -5.06 -1.90
N VAL A 61 -10.93 -4.64 -3.10
CA VAL A 61 -11.89 -4.13 -4.08
C VAL A 61 -12.99 -5.19 -4.27
N VAL A 62 -12.58 -6.47 -4.56
CA VAL A 62 -13.49 -7.57 -4.87
C VAL A 62 -14.38 -7.92 -3.69
N VAL A 63 -13.76 -8.20 -2.53
CA VAL A 63 -14.41 -8.50 -1.26
C VAL A 63 -15.48 -7.41 -0.98
N ALA A 64 -15.06 -6.11 -0.98
CA ALA A 64 -16.00 -5.01 -0.75
C ALA A 64 -17.10 -4.97 -1.79
N PHE A 65 -16.78 -5.15 -3.09
CA PHE A 65 -17.81 -5.18 -4.15
C PHE A 65 -18.85 -6.26 -3.81
N ARG A 66 -18.40 -7.43 -3.41
CA ARG A 66 -19.32 -8.50 -3.07
C ARG A 66 -20.22 -8.19 -1.86
N GLU A 67 -19.73 -7.34 -0.92
CA GLU A 67 -20.48 -7.00 0.30
C GLU A 67 -21.34 -5.76 0.14
N LEU A 68 -21.12 -5.00 -0.93
CA LEU A 68 -21.85 -3.75 -1.18
C LEU A 68 -22.90 -3.91 -2.26
N VAL A 69 -22.85 -5.01 -3.04
CA VAL A 69 -23.77 -5.24 -4.16
C VAL A 69 -24.61 -6.50 -3.92
N GLU A 70 -25.93 -6.44 -4.27
CA GLU A 70 -26.90 -7.55 -4.15
C GLU A 70 -26.44 -8.72 -5.04
N PRO A 71 -26.33 -9.97 -4.53
CA PRO A 71 -25.86 -11.08 -5.38
C PRO A 71 -26.53 -11.20 -6.76
N ARG A 72 -27.77 -10.66 -6.90
CA ARG A 72 -28.58 -10.58 -8.11
C ARG A 72 -27.92 -9.56 -9.07
N LYS A 73 -27.46 -8.41 -8.53
CA LYS A 73 -26.75 -7.36 -9.27
C LYS A 73 -25.21 -7.64 -9.43
N GLN A 74 -24.77 -8.88 -9.06
CA GLN A 74 -23.39 -9.34 -9.19
C GLN A 74 -23.35 -10.35 -10.36
N ASP A 75 -23.70 -9.88 -11.58
CA ASP A 75 -23.65 -10.67 -12.81
C ASP A 75 -22.16 -10.86 -13.25
N ALA A 76 -21.92 -11.76 -14.23
CA ALA A 76 -20.59 -12.07 -14.76
C ALA A 76 -19.82 -10.82 -15.11
N ASP A 77 -20.45 -9.87 -15.83
CA ASP A 77 -19.84 -8.62 -16.26
C ASP A 77 -19.38 -7.71 -15.11
N SER A 78 -20.23 -7.51 -14.07
CA SER A 78 -19.95 -6.67 -12.89
C SER A 78 -18.67 -7.16 -12.17
N LEU A 79 -18.56 -8.50 -12.07
CA LEU A 79 -17.47 -9.25 -11.48
C LEU A 79 -16.20 -9.05 -12.29
N GLN A 80 -16.27 -9.20 -13.63
CA GLN A 80 -15.15 -8.98 -14.55
C GLN A 80 -14.60 -7.58 -14.34
N ARG A 81 -15.50 -6.57 -14.15
CA ARG A 81 -15.10 -5.19 -13.87
C ARG A 81 -14.47 -5.05 -12.49
N ALA A 82 -15.07 -5.73 -11.47
CA ALA A 82 -14.62 -5.77 -10.08
C ALA A 82 -13.21 -6.31 -9.97
N TRP A 83 -12.90 -7.43 -10.69
CA TRP A 83 -11.53 -7.99 -10.69
C TRP A 83 -10.58 -7.01 -11.38
N THR A 84 -11.02 -6.37 -12.48
CA THR A 84 -10.24 -5.35 -13.22
C THR A 84 -9.90 -4.18 -12.31
N VAL A 85 -10.89 -3.63 -11.59
CA VAL A 85 -10.62 -2.53 -10.65
C VAL A 85 -9.63 -2.91 -9.54
N GLY A 86 -9.71 -4.15 -9.04
CA GLY A 86 -8.76 -4.67 -8.06
C GLY A 86 -7.38 -4.72 -8.69
N TRP A 87 -7.34 -5.14 -9.96
CA TRP A 87 -6.11 -5.16 -10.70
C TRP A 87 -5.52 -3.80 -10.91
N CYS A 88 -6.36 -2.78 -11.13
CA CYS A 88 -5.89 -1.39 -11.23
C CYS A 88 -5.25 -0.96 -9.94
N VAL A 89 -5.74 -1.43 -8.75
CA VAL A 89 -5.09 -1.10 -7.48
C VAL A 89 -3.69 -1.73 -7.38
N GLU A 90 -3.58 -2.96 -7.85
CA GLU A 90 -2.31 -3.68 -7.87
C GLU A 90 -1.35 -3.01 -8.83
N LEU A 91 -1.92 -2.46 -9.93
CA LEU A 91 -1.15 -1.76 -10.93
C LEU A 91 -0.69 -0.44 -10.37
N LEU A 92 -1.56 0.23 -9.57
CA LEU A 92 -1.17 1.48 -8.92
C LEU A 92 0.03 1.20 -7.98
N GLN A 93 -0.09 0.16 -7.16
CA GLN A 93 0.98 -0.21 -6.25
C GLN A 93 2.28 -0.63 -6.95
N ALA A 94 2.18 -1.50 -7.96
CA ALA A 94 3.32 -1.94 -8.77
C ALA A 94 4.10 -0.73 -9.31
N PHE A 95 3.39 0.35 -9.72
CA PHE A 95 3.99 1.58 -10.19
C PHE A 95 4.72 2.34 -9.05
N PHE A 96 4.17 2.39 -7.83
CA PHE A 96 4.90 3.08 -6.74
C PHE A 96 6.05 2.24 -6.27
N LEU A 97 5.94 0.92 -6.39
CA LEU A 97 7.03 0.09 -5.92
C LEU A 97 8.20 0.12 -6.86
N VAL A 98 7.94 0.02 -8.17
CA VAL A 98 9.00 0.06 -9.17
C VAL A 98 9.80 1.35 -8.97
N ALA A 99 9.10 2.51 -8.96
CA ALA A 99 9.63 3.84 -8.73
C ALA A 99 10.36 3.96 -7.38
N ASP A 100 9.73 3.47 -6.29
CA ASP A 100 10.31 3.59 -4.95
C ASP A 100 11.57 2.84 -4.83
N ASP A 101 11.58 1.62 -5.41
CA ASP A 101 12.77 0.78 -5.46
C ASP A 101 13.91 1.47 -6.18
N ILE A 102 13.64 2.19 -7.27
CA ILE A 102 14.68 2.96 -7.94
C ILE A 102 15.16 4.08 -6.98
N MET A 103 14.21 4.91 -6.49
CA MET A 103 14.48 6.04 -5.60
C MET A 103 15.29 5.70 -4.35
N ASP A 104 14.94 4.59 -3.65
CA ASP A 104 15.67 4.21 -2.44
C ASP A 104 16.80 3.26 -2.68
N SER A 105 17.17 3.02 -3.97
CA SER A 105 18.28 2.10 -4.31
C SER A 105 18.08 0.70 -3.69
N SER A 106 16.84 0.20 -3.66
CA SER A 106 16.59 -1.12 -3.07
C SER A 106 17.13 -2.23 -3.94
N LEU A 107 17.47 -3.36 -3.33
CA LEU A 107 18.06 -4.50 -4.03
C LEU A 107 17.03 -5.55 -4.38
N THR A 108 16.19 -5.90 -3.38
CA THR A 108 15.16 -6.90 -3.49
C THR A 108 13.80 -6.33 -3.11
N ARG A 109 12.75 -6.95 -3.67
CA ARG A 109 11.32 -6.69 -3.46
C ARG A 109 10.67 -8.07 -3.50
N ARG A 110 9.84 -8.40 -2.47
CA ARG A 110 9.14 -9.70 -2.36
C ARG A 110 10.15 -10.84 -2.53
N GLY A 111 11.38 -10.60 -2.07
CA GLY A 111 12.47 -11.55 -2.14
C GLY A 111 13.20 -11.55 -3.46
N GLN A 112 12.51 -11.28 -4.57
CA GLN A 112 13.09 -11.25 -5.91
C GLN A 112 13.79 -9.89 -6.19
N ILE A 113 14.77 -9.89 -7.12
CA ILE A 113 15.53 -8.71 -7.56
C ILE A 113 14.54 -7.63 -8.04
N CYS A 114 14.75 -6.35 -7.62
CA CYS A 114 13.94 -5.23 -8.12
C CYS A 114 14.08 -5.18 -9.58
N TRP A 115 12.98 -4.88 -10.25
CA TRP A 115 12.89 -4.74 -11.68
C TRP A 115 14.06 -3.91 -12.24
N TYR A 116 14.29 -2.68 -11.70
CA TYR A 116 15.41 -1.81 -12.15
C TYR A 116 16.79 -2.45 -12.03
N GLN A 117 16.97 -3.38 -11.06
CA GLN A 117 18.26 -4.07 -10.82
C GLN A 117 18.54 -5.15 -11.86
N LYS A 118 17.51 -5.57 -12.63
CA LYS A 118 17.63 -6.58 -13.68
C LYS A 118 18.61 -6.09 -14.75
N PRO A 119 19.52 -6.95 -15.26
CA PRO A 119 20.42 -6.51 -16.34
C PRO A 119 19.62 -6.04 -17.54
N GLY A 120 20.01 -4.90 -18.08
CA GLY A 120 19.31 -4.33 -19.24
C GLY A 120 18.20 -3.35 -18.90
N VAL A 121 17.68 -3.40 -17.68
CA VAL A 121 16.59 -2.51 -17.25
C VAL A 121 17.15 -1.17 -16.74
N GLY A 122 17.68 -1.13 -15.52
CA GLY A 122 18.21 0.10 -14.94
C GLY A 122 17.16 1.20 -14.84
N LEU A 123 17.58 2.42 -15.14
CA LEU A 123 16.72 3.60 -15.12
C LEU A 123 15.59 3.57 -16.13
N ASP A 124 15.64 2.66 -17.13
CA ASP A 124 14.54 2.43 -18.06
C ASP A 124 13.27 1.99 -17.25
N ALA A 125 13.45 1.53 -15.99
CA ALA A 125 12.34 1.15 -15.11
C ALA A 125 11.49 2.34 -14.77
N ILE A 126 12.03 3.58 -14.97
CA ILE A 126 11.25 4.78 -14.70
C ILE A 126 10.11 4.81 -15.68
N ASN A 127 10.42 4.60 -16.97
CA ASN A 127 9.41 4.58 -18.04
C ASN A 127 8.45 3.41 -17.81
N ASP A 128 8.99 2.26 -17.35
CA ASP A 128 8.22 1.07 -16.97
C ASP A 128 7.19 1.39 -15.89
N ALA A 129 7.58 2.11 -14.84
CA ALA A 129 6.72 2.52 -13.74
C ALA A 129 5.63 3.43 -14.27
N ASN A 130 5.94 4.25 -15.27
CA ASN A 130 4.93 5.11 -15.88
C ASN A 130 3.93 4.31 -16.70
N LEU A 131 4.40 3.29 -17.44
CA LEU A 131 3.56 2.37 -18.17
C LEU A 131 2.59 1.59 -17.26
N LEU A 132 3.03 1.18 -16.04
CA LEU A 132 2.11 0.48 -15.12
C LEU A 132 0.98 1.40 -14.71
N GLU A 133 1.28 2.68 -14.49
CA GLU A 133 0.32 3.76 -14.20
C GLU A 133 -0.64 3.95 -15.40
N ALA A 134 -0.10 3.96 -16.64
CA ALA A 134 -0.92 4.13 -17.83
C ALA A 134 -1.99 3.05 -17.97
N CYS A 135 -1.64 1.80 -17.65
CA CYS A 135 -2.50 0.63 -17.70
C CYS A 135 -3.71 0.79 -16.86
N ILE A 136 -3.61 1.50 -15.71
CA ILE A 136 -4.79 1.70 -14.83
C ILE A 136 -5.92 2.31 -15.63
N TYR A 137 -5.63 3.43 -16.24
CA TYR A 137 -6.56 4.21 -17.01
C TYR A 137 -6.95 3.56 -18.28
N ARG A 138 -6.07 2.71 -18.83
CA ARG A 138 -6.37 1.98 -20.05
C ARG A 138 -7.45 0.95 -19.73
N LEU A 139 -7.28 0.20 -18.61
CA LEU A 139 -8.24 -0.81 -18.15
C LEU A 139 -9.60 -0.20 -17.81
N LEU A 140 -9.62 0.91 -17.00
CA LEU A 140 -10.81 1.69 -16.63
C LEU A 140 -11.54 2.06 -17.88
N LYS A 141 -10.80 2.50 -18.92
CA LYS A 141 -11.50 2.78 -20.16
C LYS A 141 -12.11 1.52 -20.77
N LEU A 142 -11.33 0.44 -20.91
CA LEU A 142 -11.76 -0.81 -21.58
C LEU A 142 -12.91 -1.56 -20.91
N TYR A 143 -12.97 -1.52 -19.59
CA TYR A 143 -13.96 -2.22 -18.79
C TYR A 143 -15.06 -1.35 -18.25
N CYS A 144 -14.74 -0.10 -17.87
CA CYS A 144 -15.73 0.75 -17.21
C CYS A 144 -16.28 1.96 -17.96
N ARG A 145 -15.82 2.31 -19.18
CA ARG A 145 -16.29 3.54 -19.85
C ARG A 145 -17.82 3.82 -19.92
N GLU A 146 -18.65 2.75 -20.01
CA GLU A 146 -20.10 2.89 -20.07
C GLU A 146 -20.80 2.96 -18.71
N GLN A 147 -20.04 2.80 -17.63
CA GLN A 147 -20.54 2.81 -16.26
C GLN A 147 -20.66 4.20 -15.66
N PRO A 148 -21.70 4.51 -14.84
CA PRO A 148 -21.82 5.87 -14.25
C PRO A 148 -20.72 6.23 -13.26
N TYR A 149 -20.03 5.24 -12.73
CA TYR A 149 -18.93 5.51 -11.81
C TYR A 149 -17.59 5.67 -12.56
N TYR A 150 -17.59 5.73 -13.91
CA TYR A 150 -16.36 5.80 -14.70
C TYR A 150 -15.46 6.97 -14.33
N LEU A 151 -15.98 8.20 -14.45
CA LEU A 151 -15.23 9.40 -14.06
C LEU A 151 -14.82 9.26 -12.59
N ASN A 152 -15.75 8.74 -11.74
CA ASN A 152 -15.48 8.54 -10.31
C ASN A 152 -14.21 7.75 -10.03
N LEU A 153 -14.03 6.61 -10.77
CA LEU A 153 -12.86 5.71 -10.62
C LEU A 153 -11.63 6.39 -11.10
N ILE A 154 -11.66 6.98 -12.33
CA ILE A 154 -10.54 7.73 -12.93
C ILE A 154 -9.99 8.72 -11.90
N GLU A 155 -10.86 9.62 -11.40
CA GLU A 155 -10.57 10.64 -10.39
C GLU A 155 -9.94 10.12 -9.09
N LEU A 156 -10.48 8.99 -8.57
CA LEU A 156 -10.02 8.38 -7.33
C LEU A 156 -8.63 7.83 -7.50
N PHE A 157 -8.35 7.14 -8.65
CA PHE A 157 -6.99 6.62 -8.89
C PHE A 157 -6.02 7.79 -8.99
N LEU A 158 -6.44 8.85 -9.72
CA LEU A 158 -5.67 10.07 -9.88
C LEU A 158 -5.42 10.70 -8.53
N GLN A 159 -6.49 11.03 -7.75
CA GLN A 159 -6.36 11.60 -6.41
C GLN A 159 -5.45 10.74 -5.54
N SER A 160 -5.58 9.40 -5.61
CA SER A 160 -4.70 8.48 -4.84
C SER A 160 -3.21 8.51 -5.29
N SER A 161 -2.91 8.62 -6.63
CA SER A 161 -1.54 8.74 -7.12
C SER A 161 -0.93 9.98 -6.52
N TYR A 162 -1.60 11.11 -6.67
CA TYR A 162 -1.14 12.37 -6.12
C TYR A 162 -0.96 12.30 -4.58
N GLN A 163 -1.94 11.74 -3.83
CA GLN A 163 -1.83 11.60 -2.38
C GLN A 163 -0.53 10.87 -1.99
N THR A 164 -0.27 9.72 -2.67
CA THR A 164 0.89 8.85 -2.48
C THR A 164 2.18 9.56 -2.81
N GLU A 165 2.23 10.25 -3.95
CA GLU A 165 3.38 11.03 -4.44
C GLU A 165 3.68 12.16 -3.50
N ILE A 166 2.63 12.85 -3.05
CA ILE A 166 2.77 13.89 -2.04
C ILE A 166 3.37 13.28 -0.76
N GLY A 167 2.91 12.07 -0.40
CA GLY A 167 3.41 11.32 0.76
C GLY A 167 4.87 10.96 0.66
N GLN A 168 5.28 10.56 -0.56
CA GLN A 168 6.63 10.18 -0.94
C GLN A 168 7.53 11.39 -0.85
N THR A 169 7.05 12.54 -1.32
CA THR A 169 7.82 13.80 -1.25
C THR A 169 8.10 14.14 0.21
N LEU A 170 7.11 13.97 1.08
CA LEU A 170 7.21 14.23 2.50
C LEU A 170 8.24 13.28 3.13
N ASP A 171 8.16 11.98 2.79
CA ASP A 171 9.08 10.96 3.25
C ASP A 171 10.52 11.24 2.79
N LEU A 172 10.70 11.68 1.53
CA LEU A 172 12.01 12.03 0.96
C LEU A 172 12.62 13.29 1.57
N LEU A 173 11.76 14.18 2.06
CA LEU A 173 12.19 15.40 2.73
C LEU A 173 12.61 15.07 4.16
N THR A 174 11.89 14.13 4.81
CA THR A 174 12.12 13.74 6.21
C THR A 174 13.44 12.99 6.44
N ALA A 175 13.69 11.92 5.68
CA ALA A 175 14.91 11.10 5.80
C ALA A 175 15.74 11.16 4.51
N PRO A 176 16.51 12.25 4.27
CA PRO A 176 17.30 12.31 3.04
C PRO A 176 18.39 11.23 2.93
N GLN A 177 18.66 10.82 1.66
CA GLN A 177 19.63 9.81 1.19
C GLN A 177 21.01 9.78 1.89
N GLY A 178 21.58 10.96 2.15
CA GLY A 178 22.87 11.10 2.81
C GLY A 178 22.87 12.01 4.03
N ASN A 179 21.68 12.23 4.63
CA ASN A 179 21.52 13.10 5.79
C ASN A 179 20.84 12.41 6.96
N VAL A 180 21.48 12.53 8.14
CA VAL A 180 21.06 11.98 9.42
C VAL A 180 20.57 13.15 10.30
N ASP A 181 19.23 13.26 10.47
CA ASP A 181 18.58 14.27 11.29
C ASP A 181 17.26 13.76 11.90
N LEU A 182 17.34 13.34 13.18
CA LEU A 182 16.23 12.78 13.96
C LEU A 182 15.28 13.85 14.48
N VAL A 183 15.65 15.14 14.32
CA VAL A 183 14.88 16.33 14.73
C VAL A 183 13.49 16.31 14.07
N ARG A 184 13.45 16.18 12.72
CA ARG A 184 12.24 16.15 11.89
C ARG A 184 11.45 14.82 11.91
N PHE A 185 11.85 13.87 12.78
CA PHE A 185 11.18 12.59 12.96
C PHE A 185 10.17 12.74 14.10
N THR A 186 9.14 13.58 13.89
CA THR A 186 8.10 13.83 14.90
C THR A 186 6.89 12.93 14.70
N GLU A 187 6.03 12.81 15.74
CA GLU A 187 4.79 12.04 15.64
C GLU A 187 3.90 12.66 14.55
N LYS A 188 3.71 13.99 14.61
CA LYS A 188 2.88 14.78 13.69
C LYS A 188 3.32 14.60 12.23
N ARG A 189 4.65 14.50 11.98
CA ARG A 189 5.23 14.28 10.66
C ARG A 189 5.04 12.83 10.22
N TYR A 190 5.21 11.89 11.14
CA TYR A 190 5.07 10.46 10.88
C TYR A 190 3.66 10.12 10.40
N LYS A 191 2.64 10.57 11.15
CA LYS A 191 1.22 10.34 10.84
C LYS A 191 0.86 10.85 9.42
N SER A 192 1.44 12.01 9.02
CA SER A 192 1.26 12.62 7.72
C SER A 192 1.84 11.77 6.61
N ILE A 193 3.11 11.30 6.78
CA ILE A 193 3.79 10.46 5.80
C ILE A 193 2.92 9.21 5.58
N VAL A 194 2.53 8.55 6.67
CA VAL A 194 1.67 7.35 6.66
C VAL A 194 0.29 7.60 5.99
N LYS A 195 -0.31 8.79 6.22
CA LYS A 195 -1.62 9.18 5.68
C LYS A 195 -1.53 9.33 4.17
N TYR A 196 -0.56 10.11 3.73
CA TYR A 196 -0.37 10.39 2.33
C TYR A 196 0.31 9.25 1.57
N LYS A 197 1.44 8.73 2.09
CA LYS A 197 2.20 7.67 1.42
C LYS A 197 1.52 6.30 1.35
N THR A 198 0.98 5.81 2.48
CA THR A 198 0.40 4.48 2.60
C THR A 198 -1.12 4.40 2.67
N ALA A 199 -1.72 5.04 3.69
CA ALA A 199 -3.13 4.94 4.04
C ALA A 199 -4.12 5.18 2.92
N PHE A 200 -4.01 6.30 2.22
CA PHE A 200 -4.91 6.60 1.12
C PHE A 200 -5.06 5.46 0.08
N TYR A 201 -3.96 5.05 -0.60
CA TYR A 201 -4.03 3.98 -1.59
C TYR A 201 -4.26 2.61 -1.01
N SER A 202 -3.72 2.33 0.17
CA SER A 202 -3.82 1.01 0.75
C SER A 202 -5.18 0.74 1.33
N PHE A 203 -5.77 1.74 1.99
CA PHE A 203 -7.04 1.57 2.67
C PHE A 203 -8.24 2.29 2.12
N TYR A 204 -8.08 3.54 1.77
CA TYR A 204 -9.23 4.26 1.24
C TYR A 204 -9.58 3.78 -0.16
N LEU A 205 -8.60 3.85 -1.09
CA LEU A 205 -8.75 3.48 -2.48
C LEU A 205 -9.54 2.16 -2.75
N PRO A 206 -9.20 0.99 -2.10
CA PRO A 206 -9.90 -0.24 -2.48
C PRO A 206 -11.39 -0.31 -2.13
N ILE A 207 -11.78 0.13 -0.92
CA ILE A 207 -13.17 0.20 -0.48
C ILE A 207 -13.86 1.27 -1.29
N ALA A 208 -13.19 2.46 -1.40
CA ALA A 208 -13.73 3.60 -2.13
C ALA A 208 -14.09 3.24 -3.58
N ALA A 209 -13.25 2.41 -4.25
CA ALA A 209 -13.51 1.99 -5.62
C ALA A 209 -14.70 1.07 -5.67
N ALA A 210 -14.80 0.13 -4.71
CA ALA A 210 -15.97 -0.77 -4.61
C ALA A 210 -17.30 0.04 -4.33
N MET A 211 -17.22 1.05 -3.42
CA MET A 211 -18.30 1.96 -3.07
C MET A 211 -18.83 2.57 -4.33
N TYR A 212 -17.93 3.18 -5.16
CA TYR A 212 -18.35 3.79 -6.44
C TYR A 212 -18.94 2.75 -7.38
N MET A 213 -18.39 1.53 -7.40
CA MET A 213 -18.90 0.49 -8.28
C MET A 213 -20.29 0.04 -7.93
N ALA A 214 -20.65 0.19 -6.64
CA ALA A 214 -21.94 -0.16 -6.02
C ALA A 214 -22.93 0.97 -6.11
N GLY A 215 -22.48 2.11 -6.64
CA GLY A 215 -23.32 3.29 -6.80
C GLY A 215 -23.35 4.14 -5.55
N ILE A 216 -22.51 3.79 -4.57
CA ILE A 216 -22.38 4.58 -3.35
C ILE A 216 -21.35 5.67 -3.73
N ASP A 217 -21.87 6.82 -4.21
CA ASP A 217 -21.01 7.93 -4.65
C ASP A 217 -21.04 9.21 -3.79
N GLY A 218 -21.87 9.23 -2.75
CA GLY A 218 -22.02 10.36 -1.84
C GLY A 218 -20.73 10.83 -1.21
N GLU A 219 -20.53 12.15 -1.17
CA GLU A 219 -19.36 12.79 -0.57
C GLU A 219 -19.23 12.39 0.90
N LYS A 220 -20.35 12.39 1.65
CA LYS A 220 -20.38 12.07 3.08
C LYS A 220 -20.10 10.61 3.42
N GLU A 221 -20.72 9.64 2.68
CA GLU A 221 -20.46 8.20 2.86
C GLU A 221 -18.94 7.96 2.64
N HIS A 222 -18.39 8.53 1.56
CA HIS A 222 -16.98 8.40 1.24
C HIS A 222 -16.12 8.99 2.33
N ALA A 223 -16.51 10.14 2.87
CA ALA A 223 -15.85 10.80 3.99
C ALA A 223 -15.97 9.92 5.24
N ASN A 224 -17.13 9.27 5.45
CA ASN A 224 -17.29 8.36 6.59
C ASN A 224 -16.38 7.17 6.41
N ALA A 225 -16.37 6.54 5.22
CA ALA A 225 -15.46 5.44 4.88
C ALA A 225 -14.00 5.82 5.12
N LYS A 226 -13.59 7.02 4.63
CA LYS A 226 -12.27 7.64 4.77
C LYS A 226 -11.87 7.81 6.24
N LYS A 227 -12.76 8.35 7.11
CA LYS A 227 -12.51 8.53 8.54
C LYS A 227 -11.98 7.21 9.12
N ILE A 228 -12.77 6.11 8.92
CA ILE A 228 -12.43 4.76 9.34
C ILE A 228 -11.15 4.25 8.68
N LEU A 229 -11.11 4.22 7.33
CA LEU A 229 -10.02 3.62 6.54
C LEU A 229 -8.64 4.24 6.75
N LEU A 230 -8.58 5.56 6.88
CA LEU A 230 -7.32 6.22 7.16
C LEU A 230 -6.79 5.81 8.53
N GLU A 231 -7.67 5.68 9.57
CA GLU A 231 -7.24 5.23 10.91
C GLU A 231 -6.67 3.80 10.88
N MET A 232 -7.32 2.92 10.08
CA MET A 232 -6.84 1.56 9.90
C MET A 232 -5.44 1.60 9.27
N GLY A 233 -5.28 2.46 8.28
CA GLY A 233 -4.03 2.70 7.58
C GLY A 233 -2.93 3.09 8.54
N GLU A 234 -3.24 4.03 9.48
CA GLU A 234 -2.31 4.50 10.52
C GLU A 234 -1.87 3.31 11.39
N PHE A 235 -2.81 2.44 11.78
CA PHE A 235 -2.45 1.27 12.57
C PHE A 235 -1.59 0.31 11.76
N PHE A 236 -1.94 0.10 10.48
CA PHE A 236 -1.21 -0.83 9.63
C PHE A 236 0.25 -0.52 9.51
N GLN A 237 0.57 0.75 9.24
CA GLN A 237 1.97 1.15 9.10
C GLN A 237 2.76 1.03 10.40
N ILE A 238 2.16 1.46 11.53
CA ILE A 238 2.73 1.39 12.88
C ILE A 238 3.04 -0.09 13.24
N GLN A 239 2.14 -1.02 12.84
CA GLN A 239 2.32 -2.47 13.01
C GLN A 239 3.45 -2.99 12.12
N ASP A 240 3.56 -2.48 10.87
CA ASP A 240 4.58 -2.86 9.88
C ASP A 240 5.99 -2.51 10.33
N ASP A 241 6.12 -1.35 11.01
CA ASP A 241 7.34 -0.83 11.59
C ASP A 241 7.73 -1.70 12.79
N TYR A 242 6.72 -2.10 13.60
CA TYR A 242 6.93 -2.97 14.77
C TYR A 242 7.38 -4.35 14.33
N LEU A 243 6.62 -4.99 13.41
CA LEU A 243 6.92 -6.30 12.85
C LEU A 243 8.27 -6.36 12.10
N ASP A 244 8.73 -5.21 11.54
CA ASP A 244 10.01 -5.09 10.85
C ASP A 244 11.13 -5.43 11.85
N LEU A 245 11.10 -4.79 13.03
CA LEU A 245 12.10 -5.09 14.05
C LEU A 245 11.77 -6.32 14.90
N PHE A 246 10.82 -6.15 15.85
CA PHE A 246 10.41 -7.14 16.83
C PHE A 246 9.65 -8.38 16.34
N GLY A 247 9.09 -8.31 15.13
CA GLY A 247 8.32 -9.41 14.56
C GLY A 247 9.17 -10.61 14.18
N ASP A 248 8.65 -11.83 14.43
CA ASP A 248 9.30 -13.09 14.08
C ASP A 248 9.34 -13.18 12.55
N PRO A 249 10.54 -13.31 11.97
CA PRO A 249 10.66 -13.28 10.49
C PRO A 249 10.03 -14.42 9.69
N SER A 250 9.66 -15.54 10.36
CA SER A 250 9.02 -16.70 9.71
C SER A 250 7.62 -16.31 9.17
N VAL A 251 6.72 -15.89 10.09
CA VAL A 251 5.34 -15.48 9.85
C VAL A 251 5.25 -14.25 8.93
N THR A 252 6.09 -13.22 9.19
CA THR A 252 6.13 -11.97 8.42
C THR A 252 6.69 -12.18 7.01
N GLY A 253 7.84 -12.86 6.93
CA GLY A 253 8.56 -13.13 5.69
C GLY A 253 9.45 -11.99 5.30
N LYS A 254 9.93 -11.22 6.31
CA LYS A 254 10.79 -10.04 6.17
C LYS A 254 11.83 -9.99 7.31
N ILE A 255 13.00 -9.39 7.06
CA ILE A 255 14.05 -9.24 8.07
C ILE A 255 14.28 -7.74 8.33
N GLY A 256 14.55 -7.39 9.59
CA GLY A 256 14.78 -6.03 10.07
C GLY A 256 15.70 -5.16 9.25
N THR A 257 15.17 -4.05 8.68
CA THR A 257 15.92 -3.11 7.82
C THR A 257 15.79 -1.62 8.16
N ASP A 258 14.66 -1.19 8.78
CA ASP A 258 14.37 0.21 9.16
C ASP A 258 15.54 0.96 9.80
N ILE A 259 16.18 0.34 10.81
CA ILE A 259 17.32 0.90 11.57
C ILE A 259 18.51 1.29 10.69
N GLN A 260 19.00 0.37 9.85
CA GLN A 260 20.11 0.56 8.90
C GLN A 260 19.78 1.63 7.86
N ASP A 261 18.56 1.60 7.36
CA ASP A 261 18.06 2.47 6.31
C ASP A 261 17.61 3.88 6.74
N ASN A 262 17.87 4.26 8.02
CA ASN A 262 17.53 5.57 8.62
C ASN A 262 16.02 5.94 8.52
N LYS A 263 15.15 4.93 8.24
CA LYS A 263 13.71 5.08 8.05
C LYS A 263 12.98 5.72 9.21
N CYS A 264 11.94 6.51 8.89
CA CYS A 264 11.12 7.17 9.90
C CYS A 264 10.10 6.18 10.44
N SER A 265 10.59 5.11 11.13
CA SER A 265 9.79 4.08 11.77
C SER A 265 9.11 4.68 13.00
N TRP A 266 7.97 4.09 13.42
CA TRP A 266 7.22 4.54 14.57
C TRP A 266 8.06 4.36 15.83
N LEU A 267 8.93 3.34 15.81
CA LEU A 267 9.82 3.00 16.90
C LEU A 267 10.73 4.18 17.22
N VAL A 268 11.43 4.73 16.18
CA VAL A 268 12.35 5.88 16.31
C VAL A 268 11.63 7.13 16.83
N VAL A 269 10.40 7.38 16.35
CA VAL A 269 9.51 8.48 16.75
C VAL A 269 9.22 8.37 18.25
N GLN A 270 8.87 7.16 18.70
CA GLN A 270 8.56 6.90 20.11
C GLN A 270 9.80 7.01 20.97
N CYS A 271 10.93 6.44 20.50
CA CYS A 271 12.24 6.49 21.12
C CYS A 271 12.60 7.97 21.34
N LEU A 272 12.47 8.83 20.29
CA LEU A 272 12.70 10.27 20.29
C LEU A 272 11.71 11.02 21.20
N GLN A 273 10.46 10.53 21.32
CA GLN A 273 9.42 11.14 22.15
C GLN A 273 9.71 10.93 23.64
N ARG A 274 10.24 9.73 23.98
CA ARG A 274 10.55 9.34 25.35
C ARG A 274 12.05 9.00 25.47
N ALA A 275 12.90 10.03 25.65
CA ALA A 275 14.35 9.87 25.79
C ALA A 275 15.02 11.02 26.51
N THR A 276 16.00 10.68 27.37
CA THR A 276 16.82 11.66 28.09
C THR A 276 17.83 12.18 27.07
N PRO A 277 18.40 13.41 27.21
CA PRO A 277 19.39 13.89 26.21
C PRO A 277 20.54 12.91 25.92
N GLU A 278 20.88 12.05 26.93
CA GLU A 278 21.92 11.02 26.83
C GLU A 278 21.48 9.82 26.00
N GLN A 279 20.21 9.36 26.20
CA GLN A 279 19.62 8.26 25.45
C GLN A 279 19.52 8.59 23.97
N TYR A 280 19.16 9.86 23.63
CA TYR A 280 19.09 10.39 22.26
C TYR A 280 20.45 10.29 21.55
N GLN A 281 21.54 10.59 22.30
CA GLN A 281 22.92 10.58 21.80
C GLN A 281 23.33 9.20 21.28
N ILE A 282 23.04 8.13 22.05
CA ILE A 282 23.35 6.74 21.68
C ILE A 282 22.73 6.37 20.32
N LEU A 283 21.44 6.69 20.13
CA LEU A 283 20.70 6.45 18.88
C LEU A 283 21.32 7.25 17.73
N LYS A 284 21.62 8.56 17.97
CA LYS A 284 22.23 9.46 17.00
C LYS A 284 23.43 8.78 16.29
N GLU A 285 24.26 8.04 17.06
CA GLU A 285 25.46 7.31 16.61
C GLU A 285 25.15 5.97 15.90
N ASN A 286 24.27 5.13 16.50
CA ASN A 286 23.96 3.78 16.04
C ASN A 286 22.95 3.65 14.91
N TYR A 287 21.92 4.51 14.89
CA TYR A 287 20.85 4.49 13.90
C TYR A 287 21.32 4.92 12.50
N GLY A 288 21.19 4.01 11.52
CA GLY A 288 21.56 4.25 10.13
C GLY A 288 22.80 3.54 9.61
N GLN A 289 23.44 2.72 10.47
CA GLN A 289 24.67 2.01 10.13
C GLN A 289 24.52 0.54 9.72
N LYS A 290 25.22 0.13 8.64
CA LYS A 290 25.25 -1.24 8.12
C LYS A 290 26.22 -2.15 8.92
N GLU A 291 26.14 -2.10 10.27
CA GLU A 291 26.98 -2.89 11.16
C GLU A 291 26.11 -3.49 12.25
N ALA A 292 26.04 -4.83 12.29
CA ALA A 292 25.24 -5.62 13.24
C ALA A 292 25.42 -5.20 14.71
N GLU A 293 26.61 -4.63 15.03
CA GLU A 293 27.01 -4.13 16.35
C GLU A 293 26.12 -2.94 16.76
N LYS A 294 25.90 -1.98 15.83
CA LYS A 294 25.12 -0.76 16.04
C LYS A 294 23.62 -0.97 15.88
N VAL A 295 23.23 -1.88 14.97
CA VAL A 295 21.85 -2.27 14.69
C VAL A 295 21.25 -2.93 15.95
N ALA A 296 22.05 -3.77 16.63
CA ALA A 296 21.63 -4.46 17.86
C ALA A 296 21.58 -3.51 19.04
N ARG A 297 22.37 -2.41 18.98
CA ARG A 297 22.44 -1.40 20.03
C ARG A 297 21.17 -0.56 20.07
N VAL A 298 20.54 -0.34 18.88
CA VAL A 298 19.28 0.43 18.73
C VAL A 298 18.10 -0.39 19.29
N LYS A 299 18.05 -1.69 18.92
CA LYS A 299 17.04 -2.63 19.38
C LYS A 299 17.10 -2.78 20.92
N ALA A 300 18.30 -2.57 21.51
CA ALA A 300 18.53 -2.63 22.96
C ALA A 300 17.99 -1.37 23.68
N LEU A 301 17.93 -0.24 22.97
CA LEU A 301 17.43 1.03 23.50
C LEU A 301 15.90 1.07 23.44
N TYR A 302 15.32 0.52 22.36
CA TYR A 302 13.87 0.43 22.17
C TYR A 302 13.29 -0.47 23.26
N GLU A 303 13.97 -1.63 23.47
CA GLU A 303 13.65 -2.64 24.48
C GLU A 303 13.68 -2.02 25.86
N GLU A 304 14.73 -1.22 26.16
CA GLU A 304 14.91 -0.54 27.45
C GLU A 304 13.81 0.50 27.70
N LEU A 305 13.39 1.20 26.63
CA LEU A 305 12.35 2.22 26.70
C LEU A 305 10.92 1.63 26.67
N ASP A 306 10.83 0.29 26.76
CA ASP A 306 9.60 -0.52 26.78
C ASP A 306 8.62 -0.20 25.62
N LEU A 307 9.19 0.07 24.41
CA LEU A 307 8.42 0.34 23.18
C LEU A 307 7.58 -0.87 22.76
N PRO A 308 8.05 -2.15 22.90
CA PRO A 308 7.17 -3.29 22.58
C PRO A 308 5.85 -3.33 23.39
N ALA A 309 5.86 -2.65 24.57
CA ALA A 309 4.72 -2.50 25.49
C ALA A 309 3.94 -1.20 25.17
N VAL A 310 4.64 -0.21 24.60
CA VAL A 310 4.07 1.07 24.12
C VAL A 310 3.24 0.72 22.87
N PHE A 311 3.73 -0.29 22.09
CA PHE A 311 3.02 -0.81 20.92
C PHE A 311 1.84 -1.67 21.36
N LEU A 312 2.04 -2.59 22.33
CA LEU A 312 0.92 -3.43 22.74
C LEU A 312 -0.22 -2.59 23.25
N GLN A 313 0.07 -1.58 24.10
CA GLN A 313 -0.93 -0.64 24.60
C GLN A 313 -1.58 0.12 23.42
N TYR A 314 -0.76 0.51 22.40
CA TYR A 314 -1.25 1.20 21.19
C TYR A 314 -2.23 0.32 20.38
N GLU A 315 -1.88 -0.97 20.14
CA GLU A 315 -2.72 -1.95 19.41
C GLU A 315 -4.02 -2.16 20.17
N GLU A 316 -3.97 -2.22 21.51
CA GLU A 316 -5.15 -2.37 22.36
C GLU A 316 -6.07 -1.16 22.11
N ASP A 317 -5.53 0.06 22.30
CA ASP A 317 -6.25 1.33 22.13
C ASP A 317 -6.77 1.56 20.72
N SER A 318 -6.00 1.14 19.70
CA SER A 318 -6.33 1.31 18.28
C SER A 318 -7.51 0.46 17.87
N TYR A 319 -7.48 -0.83 18.19
CA TYR A 319 -8.58 -1.74 17.88
C TYR A 319 -9.85 -1.20 18.48
N SER A 320 -9.79 -0.72 19.75
CA SER A 320 -10.89 -0.11 20.49
C SER A 320 -11.48 1.07 19.71
N HIS A 321 -10.64 2.04 19.36
CA HIS A 321 -10.97 3.25 18.59
C HIS A 321 -11.52 2.94 17.20
N ILE A 322 -11.00 1.89 16.53
CA ILE A 322 -11.42 1.52 15.19
C ILE A 322 -12.84 0.95 15.21
N MET A 323 -13.19 0.27 16.30
CA MET A 323 -14.52 -0.28 16.51
C MET A 323 -15.50 0.86 16.77
N ALA A 324 -15.06 1.87 17.57
CA ALA A 324 -15.77 3.09 17.86
C ALA A 324 -15.97 3.92 16.58
N LEU A 325 -15.03 3.81 15.63
CA LEU A 325 -15.19 4.50 14.35
C LEU A 325 -16.23 3.75 13.51
N ILE A 326 -16.09 2.40 13.45
CA ILE A 326 -17.00 1.53 12.68
C ILE A 326 -18.43 1.72 13.13
N GLU A 327 -18.69 1.77 14.46
CA GLU A 327 -20.01 1.99 15.05
C GLU A 327 -20.60 3.30 14.52
N GLN A 328 -19.80 4.37 14.65
CA GLN A 328 -20.12 5.75 14.30
C GLN A 328 -20.26 6.06 12.81
N TYR A 329 -19.37 5.54 11.95
CA TYR A 329 -19.31 5.91 10.53
C TYR A 329 -19.63 4.86 9.47
N ALA A 330 -19.84 3.57 9.82
CA ALA A 330 -20.17 2.51 8.85
C ALA A 330 -21.45 2.80 8.09
N ALA A 331 -22.56 3.05 8.84
CA ALA A 331 -23.90 3.33 8.33
C ALA A 331 -23.84 4.40 7.21
N PRO A 332 -24.57 4.18 6.09
CA PRO A 332 -25.48 3.07 5.79
C PRO A 332 -24.79 1.84 5.18
N LEU A 333 -23.45 1.85 5.09
CA LEU A 333 -22.72 0.70 4.56
C LEU A 333 -22.81 -0.47 5.55
N PRO A 334 -22.62 -1.74 5.13
CA PRO A 334 -22.69 -2.83 6.11
C PRO A 334 -21.38 -2.85 6.91
N PRO A 335 -21.41 -2.89 8.26
CA PRO A 335 -20.15 -2.91 9.03
C PRO A 335 -19.15 -3.97 8.58
N ALA A 336 -19.63 -5.11 8.02
CA ALA A 336 -18.79 -6.22 7.55
C ALA A 336 -17.68 -5.81 6.57
N VAL A 337 -17.93 -4.72 5.80
CA VAL A 337 -17.01 -4.12 4.82
C VAL A 337 -15.69 -3.71 5.52
N PHE A 338 -15.82 -3.10 6.72
CA PHE A 338 -14.71 -2.62 7.54
C PHE A 338 -14.27 -3.66 8.53
N LEU A 339 -15.17 -4.52 8.99
CA LEU A 339 -14.80 -5.54 9.95
C LEU A 339 -13.97 -6.65 9.32
N GLY A 340 -14.26 -6.97 8.06
CA GLY A 340 -13.56 -7.99 7.30
C GLY A 340 -12.10 -7.65 7.21
N LEU A 341 -11.80 -6.37 6.88
CA LEU A 341 -10.47 -5.77 6.74
C LEU A 341 -9.80 -5.62 8.09
N ALA A 342 -10.50 -5.06 9.11
CA ALA A 342 -9.94 -4.89 10.46
C ALA A 342 -9.44 -6.24 11.01
N ARG A 343 -10.17 -7.32 10.73
CA ARG A 343 -9.86 -8.70 11.09
C ARG A 343 -8.48 -9.07 10.56
N LYS A 344 -8.19 -8.72 9.30
CA LYS A 344 -6.92 -8.93 8.61
C LYS A 344 -5.76 -8.09 9.18
N ILE A 345 -6.04 -6.84 9.52
CA ILE A 345 -5.06 -5.89 10.03
C ILE A 345 -4.61 -6.14 11.47
N TYR A 346 -5.55 -6.43 12.37
CA TYR A 346 -5.25 -6.61 13.79
C TYR A 346 -5.09 -8.10 14.11
N LYS A 347 -3.86 -8.57 14.38
CA LYS A 347 -3.50 -9.98 14.67
C LYS A 347 -4.04 -11.03 13.68
#